data_3JSL
#
_entry.id   3JSL
#
_cell.length_a   40.152
_cell.length_b   49.193
_cell.length_c   88.039
_cell.angle_alpha   90.10
_cell.angle_beta   103.20
_cell.angle_gamma   90.01
#
_symmetry.space_group_name_H-M   'P 1'
#
loop_
_entity.id
_entity.type
_entity.pdbx_description
1 polymer 'DNA ligase'
2 non-polymer 'SULFATE ION'
3 water water
#
_entity_poly.entity_id   1
_entity_poly.type   'polypeptide(L)'
_entity_poly.pdbx_seq_one_letter_code
;MADLSSRVNELHDLLNQYSYEYYVEDNPSVPDSEYDKLLHELIKIEEEHPEYKTVDSPTVRVGGEAQASFNKVNHDTPML
SLGNAFNEDDLRKFDQRIREQIGNVEYMCELKIDGLAVSLKYVDGYFVQGLTRGDGTTGEDITENLKTIHAIPLKMKEPL
NVEVRGEAYMPRRSFLRLNEEKEKNDEQLFANPRNAAAGSLRQLDSKLTAKRKLSVFIYSVNDFTDFNARSQSEALDELD
KLGFTTNKNRARVNNIDGVLEYIEKWTSQRESLPYDIDGIVIKVNDLDQQDEMGFTQKSPRWAIAYKFPAEEHHHHHH
;
_entity_poly.pdbx_strand_id   A,B
#
loop_
_chem_comp.id
_chem_comp.type
_chem_comp.name
_chem_comp.formula
SO4 non-polymer 'SULFATE ION' 'O4 S -2'
#
# COMPACT_ATOMS: atom_id res chain seq x y z
N ALA A 2 -18.41 -7.27 9.04
CA ALA A 2 -17.21 -7.51 8.18
C ALA A 2 -16.91 -6.51 7.10
N ASP A 3 -17.89 -5.93 6.42
CA ASP A 3 -17.57 -4.72 5.65
C ASP A 3 -17.47 -3.52 6.63
N LEU A 4 -16.27 -3.30 7.15
CA LEU A 4 -16.01 -2.22 8.12
C LEU A 4 -15.36 -1.00 7.49
N SER A 5 -15.50 -0.84 6.17
CA SER A 5 -14.82 0.23 5.44
C SER A 5 -15.18 1.65 5.98
N SER A 6 -16.44 1.85 6.32
CA SER A 6 -16.87 3.18 6.79
C SER A 6 -16.19 3.55 8.09
N ARG A 7 -16.21 2.65 9.07
CA ARG A 7 -15.62 2.94 10.37
C ARG A 7 -14.09 3.03 10.25
N VAL A 8 -13.49 2.15 9.46
CA VAL A 8 -12.03 2.21 9.29
C VAL A 8 -11.58 3.55 8.70
N ASN A 9 -12.26 4.02 7.64
CA ASN A 9 -11.87 5.29 7.07
C ASN A 9 -12.13 6.45 8.02
N GLU A 10 -13.25 6.40 8.73
CA GLU A 10 -13.50 7.37 9.80
C GLU A 10 -12.39 7.41 10.84
N LEU A 11 -12.01 6.23 11.34
CA LEU A 11 -10.94 6.13 12.34
C LEU A 11 -9.61 6.64 11.80
N HIS A 12 -9.25 6.29 10.57
CA HIS A 12 -8.05 6.87 9.96
C HIS A 12 -8.13 8.40 9.93
N ASP A 13 -9.23 8.93 9.40
CA ASP A 13 -9.42 10.38 9.31
C ASP A 13 -9.27 11.08 10.68
N LEU A 14 -9.96 10.58 11.70
CA LEU A 14 -9.88 11.18 13.05
C LEU A 14 -8.48 11.10 13.66
N LEU A 15 -7.93 9.89 13.70
CA LEU A 15 -6.61 9.66 14.26
C LEU A 15 -5.49 10.41 13.52
N ASN A 16 -5.60 10.51 12.20
CA ASN A 16 -4.62 11.30 11.46
C ASN A 16 -4.74 12.78 11.81
N GLN A 17 -5.98 13.26 11.91
CA GLN A 17 -6.23 14.64 12.33
C GLN A 17 -5.68 14.90 13.75
N TYR A 18 -6.07 14.07 14.72
CA TYR A 18 -5.61 14.28 16.11
C TYR A 18 -4.09 14.17 16.24
N SER A 19 -3.47 13.22 15.52
CA SER A 19 -2.01 13.09 15.56
C SER A 19 -1.32 14.39 15.10
N TYR A 20 -1.83 14.97 14.01
CA TYR A 20 -1.27 16.17 13.41
C TYR A 20 -1.45 17.33 14.37
N GLU A 21 -2.63 17.45 14.96
CA GLU A 21 -2.89 18.54 15.91
C GLU A 21 -1.99 18.46 17.14
N TYR A 22 -1.81 17.25 17.67
CA TYR A 22 -0.94 17.00 18.82
C TYR A 22 0.55 17.27 18.49
N TYR A 23 1.02 16.61 17.45
CA TYR A 23 2.46 16.41 17.23
C TYR A 23 3.12 17.35 16.24
N VAL A 24 2.29 18.00 15.45
CA VAL A 24 2.74 18.93 14.40
C VAL A 24 2.30 20.35 14.75
N GLU A 25 0.99 20.61 14.77
CA GLU A 25 0.49 21.94 15.16
C GLU A 25 0.71 22.27 16.64
N ASP A 26 0.90 21.25 17.46
CA ASP A 26 1.01 21.43 18.92
C ASP A 26 -0.20 22.22 19.45
N ASN A 27 -1.39 21.80 19.02
CA ASN A 27 -2.63 22.42 19.45
C ASN A 27 -3.78 21.40 19.42
N PRO A 28 -3.92 20.61 20.49
CA PRO A 28 -4.91 19.55 20.52
C PRO A 28 -6.33 20.08 20.46
N SER A 29 -7.23 19.29 19.90
CA SER A 29 -8.67 19.59 19.85
C SER A 29 -9.47 18.64 20.74
N VAL A 30 -8.90 17.46 21.00
CA VAL A 30 -9.55 16.48 21.86
C VAL A 30 -8.53 15.99 22.90
N PRO A 31 -9.01 15.56 24.09
CA PRO A 31 -8.10 15.08 25.12
C PRO A 31 -7.52 13.70 24.76
N ASP A 32 -6.40 13.32 25.39
CA ASP A 32 -5.71 12.05 25.15
C ASP A 32 -6.67 10.87 25.23
N SER A 33 -7.58 10.91 26.21
CA SER A 33 -8.60 9.85 26.41
C SER A 33 -9.35 9.50 25.10
N GLU A 34 -9.65 10.52 24.31
CA GLU A 34 -10.37 10.36 23.03
C GLU A 34 -9.45 9.78 21.97
N TYR A 35 -8.23 10.32 21.84
CA TYR A 35 -7.25 9.72 20.93
C TYR A 35 -7.01 8.25 21.25
N ASP A 36 -6.78 7.94 22.54
CA ASP A 36 -6.41 6.59 22.96
C ASP A 36 -7.57 5.62 22.71
N LYS A 37 -8.78 6.05 23.03
CA LYS A 37 -10.00 5.27 22.78
C LYS A 37 -10.12 4.88 21.28
N LEU A 38 -9.98 5.87 20.40
CA LEU A 38 -10.08 5.59 18.95
C LEU A 38 -8.94 4.69 18.45
N LEU A 39 -7.73 4.93 18.96
CA LEU A 39 -6.60 4.11 18.58
C LEU A 39 -6.82 2.66 18.99
N HIS A 40 -7.23 2.44 20.25
CA HIS A 40 -7.50 1.11 20.75
C HIS A 40 -8.58 0.41 19.90
N GLU A 41 -9.58 1.17 19.46
CA GLU A 41 -10.63 0.63 18.60
C GLU A 41 -10.08 0.12 17.26
N LEU A 42 -9.25 0.95 16.63
CA LEU A 42 -8.64 0.60 15.33
C LEU A 42 -7.74 -0.62 15.50
N ILE A 43 -6.96 -0.64 16.56
CA ILE A 43 -6.08 -1.78 16.83
C ILE A 43 -6.92 -3.08 16.91
N LYS A 44 -8.05 -3.01 17.62
CA LYS A 44 -8.90 -4.20 17.77
C LYS A 44 -9.47 -4.60 16.42
N ILE A 45 -9.93 -3.62 15.64
CA ILE A 45 -10.39 -3.90 14.28
C ILE A 45 -9.31 -4.61 13.46
N GLU A 46 -8.10 -4.05 13.45
CA GLU A 46 -7.01 -4.65 12.67
C GLU A 46 -6.63 -6.04 13.20
N GLU A 47 -6.77 -6.29 14.49
CA GLU A 47 -6.51 -7.65 15.03
C GLU A 47 -7.55 -8.69 14.54
N GLU A 48 -8.82 -8.30 14.56
CA GLU A 48 -9.92 -9.22 14.24
C GLU A 48 -10.25 -9.22 12.75
N HIS A 49 -9.92 -8.13 12.06
CA HIS A 49 -10.14 -7.96 10.63
C HIS A 49 -8.86 -7.41 9.97
N PRO A 50 -7.81 -8.25 9.89
CA PRO A 50 -6.49 -7.81 9.43
C PRO A 50 -6.44 -7.37 7.98
N GLU A 51 -7.50 -7.67 7.22
CA GLU A 51 -7.61 -7.17 5.85
C GLU A 51 -7.65 -5.65 5.80
N TYR A 52 -7.94 -5.02 6.93
CA TYR A 52 -8.00 -3.54 7.01
C TYR A 52 -6.64 -2.88 7.33
N LYS A 53 -5.61 -3.68 7.63
CA LYS A 53 -4.28 -3.09 7.86
C LYS A 53 -3.76 -2.42 6.57
N THR A 54 -3.07 -1.30 6.70
CA THR A 54 -2.55 -0.56 5.55
C THR A 54 -1.18 0.01 5.93
N VAL A 55 -0.35 0.27 4.93
CA VAL A 55 1.00 0.79 5.20
C VAL A 55 0.99 2.13 5.95
N ASP A 56 -0.09 2.90 5.81
CA ASP A 56 -0.16 4.23 6.41
C ASP A 56 -1.20 4.29 7.54
N SER A 57 -1.56 3.14 8.10
CA SER A 57 -2.48 3.13 9.23
C SER A 57 -1.88 3.87 10.43
N PRO A 58 -2.72 4.62 11.18
CA PRO A 58 -2.26 5.18 12.46
C PRO A 58 -1.61 4.15 13.39
N THR A 59 -1.98 2.87 13.26
CA THR A 59 -1.41 1.83 14.09
C THR A 59 0.08 1.59 13.85
N VAL A 60 0.56 2.08 12.72
CA VAL A 60 1.98 1.99 12.43
C VAL A 60 2.80 2.67 13.53
N ARG A 61 2.23 3.71 14.14
CA ARG A 61 2.96 4.54 15.11
C ARG A 61 3.32 3.77 16.36
N VAL A 62 2.60 2.67 16.60
CA VAL A 62 2.82 1.84 17.80
C VAL A 62 4.10 1.02 17.69
N GLY A 63 4.63 0.86 16.47
CA GLY A 63 5.72 -0.06 16.25
C GLY A 63 5.17 -1.44 16.01
N GLY A 64 6.06 -2.36 15.63
CA GLY A 64 5.63 -3.70 15.29
C GLY A 64 6.73 -4.69 15.49
N GLU A 65 6.58 -5.84 14.83
CA GLU A 65 7.50 -6.96 14.98
C GLU A 65 8.75 -6.80 14.11
N ALA A 66 8.58 -6.25 12.91
CA ALA A 66 9.70 -6.02 11.99
C ALA A 66 10.75 -5.09 12.60
N GLN A 67 12.02 -5.46 12.45
CA GLN A 67 13.11 -4.68 13.00
C GLN A 67 13.83 -3.88 11.92
N ALA A 68 14.27 -2.67 12.27
CA ALA A 68 15.23 -1.94 11.44
C ALA A 68 16.38 -2.91 11.11
N SER A 69 16.77 -2.91 9.84
CA SER A 69 17.88 -3.77 9.39
C SER A 69 19.24 -3.21 9.78
N PHE A 70 19.33 -1.88 9.91
CA PHE A 70 20.61 -1.19 10.09
C PHE A 70 21.56 -1.40 8.92
N ASN A 71 21.04 -1.94 7.83
CA ASN A 71 21.84 -2.11 6.60
C ASN A 71 22.42 -0.80 6.10
N LYS A 72 23.62 -0.90 5.52
CA LYS A 72 24.26 0.25 4.87
C LYS A 72 23.55 0.55 3.56
N VAL A 73 23.01 1.75 3.42
CA VAL A 73 22.28 2.11 2.21
C VAL A 73 22.76 3.47 1.74
N ASN A 74 23.04 3.59 0.44
CA ASN A 74 23.40 4.89 -0.15
C ASN A 74 22.18 5.77 -0.27
N HIS A 75 22.31 7.05 0.09
CA HIS A 75 21.27 8.07 -0.18
C HIS A 75 21.10 8.22 -1.69
N ASP A 76 19.88 8.60 -2.12
CA ASP A 76 19.63 8.91 -3.54
C ASP A 76 20.54 10.05 -3.96
N THR A 77 20.69 11.01 -3.05
CA THR A 77 21.53 12.21 -3.27
C THR A 77 22.36 12.42 -2.00
N PRO A 78 23.71 12.48 -2.12
CA PRO A 78 24.53 12.68 -0.91
C PRO A 78 24.13 13.94 -0.13
N MET A 79 24.23 13.89 1.18
CA MET A 79 23.84 15.06 1.99
C MET A 79 25.01 16.04 2.07
N LEU A 80 24.69 17.33 2.15
CA LEU A 80 25.69 18.40 2.19
C LEU A 80 26.52 18.37 3.47
N SER A 81 27.73 18.90 3.39
CA SER A 81 28.52 19.16 4.57
C SER A 81 28.77 20.69 4.60
N LEU A 82 28.38 21.35 5.68
CA LEU A 82 28.45 22.82 5.73
C LEU A 82 29.74 23.34 6.36
N GLY A 83 30.29 24.42 5.83
CA GLY A 83 31.34 25.19 6.50
C GLY A 83 30.77 25.89 7.73
N ASN A 84 31.64 26.17 8.72
CA ASN A 84 31.25 26.73 10.01
C ASN A 84 31.69 28.17 10.15
N ALA A 85 30.94 28.93 10.94
CA ALA A 85 31.33 30.27 11.34
C ALA A 85 31.29 30.32 12.86
N PHE A 86 32.25 31.04 13.45
CA PHE A 86 32.31 31.15 14.92
C PHE A 86 32.12 32.55 15.49
N ASN A 87 32.06 33.56 14.61
CA ASN A 87 31.89 34.94 15.05
C ASN A 87 31.39 35.83 13.93
N GLU A 88 31.20 37.10 14.26
CA GLU A 88 30.75 38.10 13.29
C GLU A 88 31.70 38.25 12.09
N ASP A 89 33.01 38.24 12.36
CA ASP A 89 34.02 38.30 11.28
C ASP A 89 33.78 37.19 10.26
N ASP A 90 33.64 35.95 10.72
CA ASP A 90 33.38 34.79 9.85
C ASP A 90 32.15 35.00 8.96
N LEU A 91 31.08 35.51 9.56
CA LEU A 91 29.81 35.72 8.83
C LEU A 91 29.91 36.88 7.85
N ARG A 92 30.69 37.90 8.21
CA ARG A 92 30.93 38.99 7.26
C ARG A 92 31.74 38.57 6.04
N LYS A 93 32.72 37.68 6.23
CA LYS A 93 33.54 37.16 5.13
C LYS A 93 32.66 36.33 4.20
N PHE A 94 31.79 35.51 4.80
CA PHE A 94 30.84 34.71 4.03
C PHE A 94 29.99 35.65 3.17
N ASP A 95 29.40 36.63 3.84
CA ASP A 95 28.54 37.63 3.19
C ASP A 95 29.28 38.36 2.05
N GLN A 96 30.49 38.81 2.33
CA GLN A 96 31.26 39.59 1.36
C GLN A 96 31.55 38.77 0.12
N ARG A 97 31.95 37.51 0.29
CA ARG A 97 32.26 36.69 -0.88
C ARG A 97 31.03 36.39 -1.74
N ILE A 98 29.86 36.33 -1.13
CA ILE A 98 28.62 36.17 -1.92
C ILE A 98 28.34 37.45 -2.73
N ARG A 99 28.43 38.59 -2.07
CA ARG A 99 28.06 39.87 -2.68
C ARG A 99 29.10 40.42 -3.67
N GLU A 100 30.35 39.95 -3.56
CA GLU A 100 31.34 40.23 -4.59
C GLU A 100 31.09 39.45 -5.89
N GLN A 101 30.49 38.27 -5.78
CA GLN A 101 30.29 37.38 -6.94
C GLN A 101 28.91 37.46 -7.61
N ILE A 102 27.84 37.60 -6.83
CA ILE A 102 26.48 37.57 -7.37
C ILE A 102 25.61 38.79 -7.01
N GLY A 103 26.09 39.66 -6.14
CA GLY A 103 25.35 40.88 -5.78
C GLY A 103 24.66 40.76 -4.43
N ASN A 104 23.76 41.70 -4.14
CA ASN A 104 23.06 41.72 -2.84
C ASN A 104 21.90 40.73 -2.81
N VAL A 105 21.95 39.79 -1.85
CA VAL A 105 21.05 38.61 -1.78
C VAL A 105 20.20 38.59 -0.52
N GLU A 106 19.07 37.91 -0.62
CA GLU A 106 18.26 37.60 0.54
C GLU A 106 18.78 36.33 1.17
N TYR A 107 18.81 36.32 2.50
CA TYR A 107 19.21 35.14 3.28
C TYR A 107 18.04 34.50 4.01
N MET A 108 18.10 33.19 4.16
CA MET A 108 17.23 32.54 5.12
C MET A 108 18.05 32.10 6.31
N CYS A 109 17.56 32.41 7.50
CA CYS A 109 18.16 31.95 8.72
C CYS A 109 17.28 30.91 9.39
N GLU A 110 17.91 29.87 9.95
CA GLU A 110 17.18 28.85 10.66
C GLU A 110 17.99 28.32 11.82
N LEU A 111 17.29 27.81 12.82
CA LEU A 111 17.94 27.18 13.99
C LEU A 111 18.55 25.84 13.59
N LYS A 112 19.79 25.58 14.04
CA LYS A 112 20.45 24.31 13.75
C LYS A 112 20.12 23.35 14.88
N ILE A 113 19.23 22.42 14.59
CA ILE A 113 18.77 21.47 15.57
C ILE A 113 19.91 20.51 15.93
N ASP A 114 20.15 20.34 17.23
CA ASP A 114 21.20 19.44 17.70
C ASP A 114 20.62 18.04 17.78
N GLY A 115 20.38 17.46 16.62
CA GLY A 115 19.66 16.19 16.52
C GLY A 115 20.46 15.18 15.73
N LEU A 116 19.76 14.17 15.24
CA LEU A 116 20.32 13.19 14.33
C LEU A 116 19.79 13.47 12.95
N ALA A 117 20.71 13.81 12.04
CA ALA A 117 20.40 14.08 10.63
C ALA A 117 19.92 12.77 10.00
N VAL A 118 18.83 12.86 9.24
CA VAL A 118 18.23 11.66 8.61
C VAL A 118 17.75 12.02 7.18
N SER A 119 17.76 11.06 6.26
CA SER A 119 17.13 11.27 4.94
C SER A 119 15.87 10.42 4.92
N LEU A 120 14.78 10.98 4.41
CA LEU A 120 13.50 10.26 4.46
C LEU A 120 13.02 10.19 3.03
N LYS A 121 13.04 8.98 2.48
CA LYS A 121 12.68 8.81 1.07
C LYS A 121 11.19 8.48 0.90
N TYR A 122 10.55 9.26 0.01
CA TYR A 122 9.14 9.10 -0.36
C TYR A 122 9.05 8.61 -1.81
N VAL A 123 8.22 7.60 -2.03
CA VAL A 123 8.02 7.04 -3.38
C VAL A 123 6.51 6.98 -3.57
N ASP A 124 6.02 7.64 -4.62
CA ASP A 124 4.60 7.76 -4.86
C ASP A 124 3.94 8.42 -3.65
N GLY A 125 4.67 9.33 -2.98
CA GLY A 125 4.13 10.00 -1.80
C GLY A 125 4.10 9.25 -0.46
N TYR A 126 4.50 7.98 -0.45
CA TYR A 126 4.62 7.18 0.75
C TYR A 126 6.03 7.13 1.32
N PHE A 127 6.12 7.26 2.65
CA PHE A 127 7.38 7.10 3.38
C PHE A 127 7.82 5.67 3.25
N VAL A 128 8.93 5.43 2.53
CA VAL A 128 9.39 4.05 2.29
C VAL A 128 10.77 3.70 2.82
N GLN A 129 11.54 4.72 3.20
CA GLN A 129 12.90 4.44 3.68
C GLN A 129 13.40 5.64 4.47
N GLY A 130 13.95 5.39 5.65
CA GLY A 130 14.59 6.45 6.44
C GLY A 130 15.98 5.98 6.82
N LEU A 131 17.00 6.82 6.54
CA LEU A 131 18.38 6.50 6.78
C LEU A 131 18.98 7.54 7.70
N THR A 132 19.94 7.16 8.52
CA THR A 132 20.76 8.16 9.23
C THR A 132 21.64 8.82 8.15
N ARG A 133 22.18 10.00 8.44
CA ARG A 133 23.05 10.69 7.48
C ARG A 133 24.31 9.84 7.14
N GLY A 134 24.87 9.17 8.16
CA GLY A 134 26.07 8.36 7.98
C GLY A 134 27.25 9.22 7.59
N ASP A 135 28.00 8.80 6.57
CA ASP A 135 29.10 9.65 6.06
C ASP A 135 28.65 10.70 5.06
N GLY A 136 27.33 10.81 4.84
CA GLY A 136 26.80 11.77 3.88
C GLY A 136 26.42 11.16 2.54
N THR A 137 27.04 10.01 2.26
CA THR A 137 26.79 9.25 1.04
C THR A 137 26.04 7.98 1.39
N THR A 138 26.47 7.34 2.47
CA THR A 138 25.94 6.06 2.91
C THR A 138 25.51 6.13 4.39
N GLY A 139 24.26 5.78 4.66
CA GLY A 139 23.70 5.77 6.00
C GLY A 139 23.18 4.41 6.39
N GLU A 140 22.61 4.34 7.60
CA GLU A 140 22.03 3.11 8.14
C GLU A 140 20.51 3.16 8.05
N ASP A 141 19.93 2.06 7.61
CA ASP A 141 18.48 1.88 7.51
C ASP A 141 17.79 1.71 8.90
N ILE A 142 17.10 2.75 9.34
CA ILE A 142 16.37 2.75 10.60
C ILE A 142 14.87 3.03 10.34
N THR A 143 14.41 2.63 9.15
CA THR A 143 13.05 2.95 8.65
C THR A 143 12.00 2.57 9.69
N GLU A 144 12.08 1.34 10.19
CA GLU A 144 11.03 0.81 11.09
C GLU A 144 10.89 1.67 12.35
N ASN A 145 12.01 2.23 12.80
CA ASN A 145 12.01 3.05 14.01
C ASN A 145 11.49 4.44 13.74
N LEU A 146 11.91 5.00 12.60
CA LEU A 146 11.47 6.34 12.19
C LEU A 146 9.97 6.43 11.94
N LYS A 147 9.39 5.30 11.53
CA LYS A 147 7.94 5.22 11.28
C LYS A 147 7.07 5.53 12.50
N THR A 148 7.65 5.33 13.68
CA THR A 148 6.95 5.59 14.95
C THR A 148 6.94 7.07 15.41
N ILE A 149 7.63 7.94 14.68
CA ILE A 149 7.68 9.36 15.00
C ILE A 149 6.53 10.06 14.30
N HIS A 150 5.56 10.53 15.11
CA HIS A 150 4.34 11.11 14.56
C HIS A 150 4.58 12.30 13.63
N ALA A 151 5.63 13.09 13.90
CA ALA A 151 5.98 14.23 13.07
C ALA A 151 6.50 13.90 11.67
N ILE A 152 6.73 12.61 11.39
CA ILE A 152 7.07 12.18 10.03
C ILE A 152 5.78 11.62 9.37
N PRO A 153 5.32 12.24 8.25
CA PRO A 153 4.09 11.77 7.64
C PRO A 153 4.32 10.44 6.93
N LEU A 154 3.35 9.52 7.09
CA LEU A 154 3.46 8.23 6.41
C LEU A 154 3.07 8.38 4.92
N LYS A 155 2.30 9.42 4.63
CA LYS A 155 1.87 9.73 3.26
C LYS A 155 1.83 11.23 3.13
N MET A 156 2.47 11.76 2.09
CA MET A 156 2.45 13.21 1.84
C MET A 156 1.23 13.58 0.97
N LYS A 157 0.93 14.87 0.87
CA LYS A 157 -0.29 15.33 0.19
C LYS A 157 -0.25 15.23 -1.34
N GLU A 158 0.93 15.03 -1.90
CA GLU A 158 1.12 14.79 -3.33
C GLU A 158 2.06 13.60 -3.48
N PRO A 159 1.81 12.71 -4.46
CA PRO A 159 2.54 11.46 -4.71
C PRO A 159 3.96 11.64 -5.29
N LEU A 160 4.79 12.45 -4.65
CA LEU A 160 6.13 12.69 -5.15
C LEU A 160 7.14 11.55 -4.84
N ASN A 161 8.21 11.55 -5.61
CA ASN A 161 9.38 10.69 -5.40
C ASN A 161 10.54 11.60 -5.06
N VAL A 162 10.78 11.74 -3.77
CA VAL A 162 11.70 12.75 -3.27
C VAL A 162 12.33 12.19 -1.98
N GLU A 163 13.54 12.69 -1.66
CA GLU A 163 14.23 12.39 -0.41
C GLU A 163 14.25 13.70 0.37
N VAL A 164 13.54 13.77 1.48
CA VAL A 164 13.57 15.00 2.29
C VAL A 164 14.67 14.80 3.31
N ARG A 165 15.16 15.89 3.88
CA ARG A 165 16.21 15.77 4.87
C ARG A 165 15.70 16.43 6.14
N GLY A 166 15.96 15.80 7.27
CA GLY A 166 15.48 16.35 8.53
C GLY A 166 16.43 16.14 9.69
N GLU A 167 16.07 16.72 10.84
CA GLU A 167 16.81 16.46 12.08
C GLU A 167 15.85 15.81 13.03
N ALA A 168 16.14 14.57 13.41
CA ALA A 168 15.35 13.86 14.42
C ALA A 168 15.87 14.15 15.81
N TYR A 169 14.96 14.37 16.76
CA TYR A 169 15.37 14.80 18.09
C TYR A 169 14.40 14.35 19.16
N MET A 170 14.84 14.45 20.41
CA MET A 170 13.97 14.31 21.58
C MET A 170 13.84 15.65 22.32
N PRO A 171 12.58 16.12 22.53
CA PRO A 171 12.31 17.33 23.31
C PRO A 171 13.01 17.31 24.66
N ARG A 172 13.49 18.48 25.07
CA ARG A 172 14.30 18.60 26.28
C ARG A 172 13.58 17.99 27.48
N ARG A 173 12.30 18.32 27.63
CA ARG A 173 11.57 17.92 28.81
C ARG A 173 11.40 16.41 28.82
N SER A 174 11.17 15.82 27.64
CA SER A 174 11.03 14.38 27.54
C SER A 174 12.33 13.66 27.83
N PHE A 175 13.46 14.28 27.45
CA PHE A 175 14.76 13.77 27.84
C PHE A 175 14.89 13.75 29.39
N LEU A 176 14.53 14.87 30.01
CA LEU A 176 14.64 15.00 31.48
C LEU A 176 13.80 13.96 32.24
N ARG A 177 12.54 13.82 31.84
CA ARG A 177 11.63 12.79 32.36
C ARG A 177 12.14 11.37 32.14
N LEU A 178 12.64 11.11 30.94
CA LEU A 178 13.29 9.84 30.63
C LEU A 178 14.43 9.56 31.62
N ASN A 179 15.31 10.55 31.82
CA ASN A 179 16.43 10.41 32.77
C ASN A 179 16.00 10.16 34.23
N GLU A 180 14.86 10.75 34.60
CA GLU A 180 14.25 10.54 35.91
C GLU A 180 13.81 9.09 36.07
N GLU A 181 13.28 8.51 35.00
CA GLU A 181 12.91 7.10 34.97
C GLU A 181 14.12 6.18 35.07
N LYS A 182 15.20 6.53 34.37
CA LYS A 182 16.45 5.77 34.47
C LYS A 182 16.95 5.72 35.91
N GLU A 183 16.88 6.88 36.58
CA GLU A 183 17.11 6.98 38.03
C GLU A 183 15.87 6.47 38.78
N LYS A 184 15.57 5.19 38.59
CA LYS A 184 14.57 4.45 39.37
C LYS A 184 15.10 3.04 39.39
N ASN A 185 15.56 2.59 38.24
CA ASN A 185 16.30 1.34 38.14
C ASN A 185 17.79 1.66 38.34
N ASP A 186 18.60 0.60 38.38
CA ASP A 186 20.06 0.68 38.44
C ASP A 186 20.62 1.28 37.15
N GLU A 187 19.86 2.20 36.53
CA GLU A 187 20.13 2.60 35.13
C GLU A 187 20.88 3.92 34.93
N GLN A 188 21.89 3.84 34.06
CA GLN A 188 22.72 4.97 33.67
C GLN A 188 21.88 5.98 32.87
N LEU A 189 22.05 7.26 33.19
CA LEU A 189 21.35 8.36 32.54
C LEU A 189 21.97 8.71 31.20
N PHE A 190 21.13 9.15 30.26
CA PHE A 190 21.61 9.72 29.01
C PHE A 190 22.30 11.07 29.24
N ALA A 191 23.36 11.31 28.48
CA ALA A 191 24.19 12.52 28.62
C ALA A 191 23.45 13.82 28.28
N ASN A 192 22.61 13.74 27.25
CA ASN A 192 21.91 14.88 26.67
C ASN A 192 20.82 14.35 25.74
N PRO A 193 19.86 15.22 25.33
CA PRO A 193 18.75 14.82 24.44
C PRO A 193 19.20 14.14 23.15
N ARG A 194 20.28 14.62 22.54
CA ARG A 194 20.78 14.02 21.29
C ARG A 194 21.18 12.56 21.51
N ASN A 195 21.88 12.31 22.61
CA ASN A 195 22.31 10.97 22.97
C ASN A 195 21.08 10.06 23.25
N ALA A 196 20.09 10.59 23.96
CA ALA A 196 18.85 9.85 24.23
C ALA A 196 18.13 9.45 22.91
N ALA A 197 18.01 10.41 21.99
CA ALA A 197 17.37 10.18 20.69
C ALA A 197 18.17 9.18 19.85
N ALA A 198 19.50 9.26 19.90
CA ALA A 198 20.34 8.29 19.18
C ALA A 198 20.09 6.89 19.74
N GLY A 199 20.14 6.76 21.07
CA GLY A 199 19.85 5.50 21.74
C GLY A 199 18.47 4.97 21.39
N SER A 200 17.51 5.88 21.24
CA SER A 200 16.12 5.49 20.99
C SER A 200 15.91 4.99 19.55
N LEU A 201 16.69 5.52 18.62
CA LEU A 201 16.59 5.16 17.20
C LEU A 201 17.47 3.95 16.83
N ARG A 202 18.49 3.68 17.65
CA ARG A 202 19.36 2.49 17.50
C ARG A 202 18.90 1.23 18.26
N GLN A 203 17.64 1.24 18.68
CA GLN A 203 17.03 0.07 19.30
C GLN A 203 16.72 -0.92 18.17
N LEU A 204 16.65 -2.21 18.48
CA LEU A 204 16.12 -3.16 17.50
C LEU A 204 14.60 -3.22 17.52
N ASP A 205 14.01 -2.87 18.65
CA ASP A 205 12.56 -2.93 18.82
C ASP A 205 11.91 -1.57 18.57
N SER A 206 11.18 -1.48 17.45
CA SER A 206 10.46 -0.27 17.07
C SER A 206 9.39 0.10 18.10
N LYS A 207 8.88 -0.90 18.85
CA LYS A 207 7.92 -0.60 19.91
C LYS A 207 8.57 0.20 21.04
N LEU A 208 9.87 0.02 21.28
CA LEU A 208 10.57 0.86 22.28
C LEU A 208 10.76 2.28 21.78
N THR A 209 11.18 2.41 20.52
CA THR A 209 11.29 3.73 19.89
C THR A 209 9.96 4.50 19.97
N ALA A 210 8.86 3.79 19.71
CA ALA A 210 7.52 4.37 19.78
C ALA A 210 7.19 4.95 21.14
N LYS A 211 7.71 4.35 22.21
CA LYS A 211 7.41 4.76 23.60
C LYS A 211 8.24 5.98 24.00
N ARG A 212 9.30 6.21 23.24
CA ARG A 212 10.16 7.39 23.42
C ARG A 212 9.46 8.55 22.76
N LYS A 213 9.75 9.79 23.20
CA LYS A 213 9.06 10.93 22.63
C LYS A 213 10.02 11.57 21.66
N LEU A 214 9.82 11.31 20.36
CA LEU A 214 10.72 11.88 19.37
C LEU A 214 9.93 12.77 18.43
N SER A 215 10.65 13.67 17.75
CA SER A 215 10.03 14.48 16.73
C SER A 215 11.08 14.74 15.66
N VAL A 216 10.68 15.51 14.65
CA VAL A 216 11.60 15.87 13.55
C VAL A 216 11.30 17.29 13.05
N PHE A 217 12.34 17.97 12.57
CA PHE A 217 12.16 19.13 11.69
C PHE A 217 12.78 18.83 10.34
N ILE A 218 11.99 19.05 9.30
CA ILE A 218 12.45 18.90 7.92
C ILE A 218 13.00 20.22 7.44
N TYR A 219 14.17 20.17 6.82
CA TYR A 219 14.84 21.40 6.41
C TYR A 219 15.14 21.52 4.91
N SER A 220 15.13 20.41 4.17
CA SER A 220 15.41 20.48 2.74
C SER A 220 14.94 19.22 2.01
N VAL A 221 15.20 19.19 0.71
CA VAL A 221 14.84 18.07 -0.15
C VAL A 221 16.01 17.84 -1.13
N ASN A 222 16.14 16.65 -1.66
CA ASN A 222 17.24 16.37 -2.59
C ASN A 222 17.06 16.96 -3.99
N ASP A 223 15.81 17.22 -4.38
CA ASP A 223 15.45 17.56 -5.77
C ASP A 223 14.24 18.46 -5.73
N PHE A 224 14.37 19.66 -6.31
CA PHE A 224 13.29 20.65 -6.31
C PHE A 224 12.42 20.59 -7.57
N THR A 225 12.67 19.61 -8.43
CA THR A 225 12.00 19.47 -9.73
C THR A 225 10.47 19.61 -9.67
N ASP A 226 9.85 18.98 -8.68
CA ASP A 226 8.38 19.01 -8.55
C ASP A 226 7.87 20.07 -7.56
N PHE A 227 8.75 21.00 -7.19
CA PHE A 227 8.41 22.07 -6.28
C PHE A 227 8.25 23.35 -7.07
N ASN A 228 7.22 24.11 -6.74
CA ASN A 228 7.03 25.42 -7.32
C ASN A 228 7.87 26.50 -6.66
N ALA A 229 8.48 26.14 -5.54
CA ALA A 229 9.33 27.06 -4.77
C ALA A 229 10.49 27.64 -5.57
N ARG A 230 10.74 28.93 -5.35
CA ARG A 230 11.82 29.62 -6.01
C ARG A 230 12.95 29.88 -5.01
N SER A 231 12.69 29.59 -3.74
CA SER A 231 13.63 29.88 -2.67
C SER A 231 13.56 28.83 -1.59
N GLN A 232 14.59 28.82 -0.72
CA GLN A 232 14.57 27.94 0.44
C GLN A 232 13.34 28.16 1.33
N SER A 233 13.02 29.42 1.61
CA SER A 233 11.88 29.70 2.49
C SER A 233 10.57 29.24 1.83
N GLU A 234 10.43 29.47 0.52
CA GLU A 234 9.26 29.01 -0.22
C GLU A 234 9.20 27.48 -0.24
N ALA A 235 10.35 26.81 -0.35
CA ALA A 235 10.41 25.33 -0.29
C ALA A 235 9.95 24.77 1.07
N LEU A 236 10.31 25.46 2.14
CA LEU A 236 9.86 25.08 3.48
C LEU A 236 8.37 25.29 3.69
N ASP A 237 7.83 26.40 3.20
CA ASP A 237 6.38 26.61 3.13
C ASP A 237 5.70 25.49 2.33
N GLU A 238 6.30 25.09 1.22
CA GLU A 238 5.72 24.06 0.35
C GLU A 238 5.74 22.70 1.03
N LEU A 239 6.83 22.38 1.71
CA LEU A 239 6.88 21.16 2.53
C LEU A 239 5.79 21.16 3.60
N ASP A 240 5.57 22.33 4.21
CA ASP A 240 4.44 22.46 5.14
C ASP A 240 3.12 22.05 4.48
N LYS A 241 2.83 22.65 3.31
CA LYS A 241 1.60 22.32 2.61
C LYS A 241 1.55 20.86 2.13
N LEU A 242 2.72 20.24 1.90
CA LEU A 242 2.81 18.85 1.48
C LEU A 242 2.64 17.88 2.66
N GLY A 243 2.54 18.42 3.87
CA GLY A 243 2.31 17.61 5.08
C GLY A 243 3.50 17.37 6.02
N PHE A 244 4.64 18.00 5.75
CA PHE A 244 5.82 17.81 6.64
C PHE A 244 5.85 18.73 7.87
N THR A 245 6.72 18.38 8.84
CA THR A 245 6.94 19.20 10.01
C THR A 245 8.21 20.03 9.85
N THR A 246 8.04 21.36 9.80
CA THR A 246 9.20 22.25 9.64
C THR A 246 9.35 23.16 10.84
N ASN A 247 10.48 23.82 10.95
CA ASN A 247 10.72 24.71 12.09
C ASN A 247 10.24 26.14 11.82
N LYS A 248 9.31 26.61 12.64
CA LYS A 248 8.62 27.89 12.39
C LYS A 248 9.48 29.10 12.72
N ASN A 249 10.60 28.88 13.41
CA ASN A 249 11.47 29.99 13.82
C ASN A 249 12.39 30.51 12.70
N ARG A 250 12.26 29.94 11.50
CA ARG A 250 13.02 30.43 10.35
C ARG A 250 12.66 31.88 10.00
N ALA A 251 13.59 32.60 9.37
CA ALA A 251 13.33 33.97 8.97
C ALA A 251 14.05 34.31 7.68
N ARG A 252 13.38 35.06 6.81
CA ARG A 252 14.07 35.71 5.68
C ARG A 252 14.60 37.06 6.15
N VAL A 253 15.86 37.32 5.85
CA VAL A 253 16.46 38.63 6.16
C VAL A 253 17.04 39.23 4.88
N ASN A 254 17.17 40.55 4.86
CA ASN A 254 17.59 41.29 3.68
C ASN A 254 19.10 41.33 3.50
N ASN A 255 19.84 41.22 4.62
CA ASN A 255 21.30 41.36 4.62
C ASN A 255 22.00 40.75 5.84
N ILE A 256 23.31 40.94 5.92
CA ILE A 256 24.14 40.38 7.00
C ILE A 256 23.83 41.01 8.35
N ASP A 257 23.43 42.28 8.35
CA ASP A 257 22.93 42.90 9.59
C ASP A 257 21.70 42.16 10.15
N GLY A 258 20.78 41.79 9.26
CA GLY A 258 19.64 40.92 9.62
C GLY A 258 20.07 39.58 10.19
N VAL A 259 21.09 38.96 9.57
CA VAL A 259 21.63 37.66 10.03
C VAL A 259 22.18 37.81 11.43
N LEU A 260 23.03 38.81 11.62
CA LEU A 260 23.58 39.05 12.95
C LEU A 260 22.49 39.26 14.01
N GLU A 261 21.44 40.00 13.68
CA GLU A 261 20.37 40.24 14.63
C GLU A 261 19.60 38.95 14.93
N TYR A 262 19.40 38.13 13.91
CA TYR A 262 18.77 36.82 14.14
C TYR A 262 19.61 35.98 15.10
N ILE A 263 20.92 35.90 14.89
CA ILE A 263 21.79 35.20 15.82
C ILE A 263 21.76 35.80 17.25
N GLU A 264 21.80 37.12 17.35
CA GLU A 264 21.76 37.73 18.69
C GLU A 264 20.48 37.38 19.42
N LYS A 265 19.36 37.44 18.70
CA LYS A 265 18.05 37.06 19.24
C LYS A 265 18.11 35.65 19.81
N TRP A 266 18.56 34.71 18.99
CA TRP A 266 18.52 33.30 19.38
C TRP A 266 19.62 32.88 20.39
N THR A 267 20.64 33.73 20.55
CA THR A 267 21.59 33.56 21.64
C THR A 267 20.82 33.66 22.95
N SER A 268 19.95 34.68 23.09
CA SER A 268 19.16 34.84 24.31
C SER A 268 17.97 33.86 24.41
N GLN A 269 17.25 33.69 23.30
CA GLN A 269 15.99 32.94 23.33
C GLN A 269 16.19 31.43 23.25
N ARG A 270 17.38 30.97 22.86
CA ARG A 270 17.61 29.52 22.69
C ARG A 270 17.26 28.72 23.97
N GLU A 271 17.49 29.33 25.14
CA GLU A 271 17.20 28.67 26.41
C GLU A 271 15.72 28.33 26.60
N SER A 272 14.84 29.12 26.01
CA SER A 272 13.40 28.89 26.15
C SER A 272 12.82 27.82 25.20
N LEU A 273 13.62 27.34 24.27
CA LEU A 273 13.17 26.35 23.28
C LEU A 273 12.99 24.97 23.89
N PRO A 274 11.98 24.21 23.44
CA PRO A 274 11.79 22.85 23.97
C PRO A 274 12.72 21.78 23.38
N TYR A 275 13.70 22.21 22.57
CA TYR A 275 14.72 21.32 21.99
C TYR A 275 16.08 22.07 21.99
N ASP A 276 17.17 21.31 21.93
CA ASP A 276 18.51 21.87 21.89
C ASP A 276 18.85 22.29 20.46
N ILE A 277 19.57 23.39 20.36
CA ILE A 277 20.14 23.83 19.07
C ILE A 277 21.64 24.03 19.30
N ASP A 278 22.47 23.80 18.28
CA ASP A 278 23.91 24.04 18.42
C ASP A 278 24.44 25.14 17.50
N GLY A 279 23.50 25.79 16.84
CA GLY A 279 23.83 26.88 15.93
C GLY A 279 22.69 27.41 15.12
N ILE A 280 23.07 28.11 14.07
CA ILE A 280 22.13 28.81 13.21
C ILE A 280 22.69 28.59 11.80
N VAL A 281 21.84 28.11 10.89
CA VAL A 281 22.26 27.94 9.50
C VAL A 281 21.74 29.11 8.68
N ILE A 282 22.63 29.66 7.85
CA ILE A 282 22.34 30.80 6.99
C ILE A 282 22.53 30.39 5.55
N LYS A 283 21.55 30.71 4.70
CA LYS A 283 21.58 30.26 3.31
C LYS A 283 21.18 31.40 2.43
N VAL A 284 21.89 31.57 1.33
CA VAL A 284 21.33 32.33 0.20
C VAL A 284 19.93 31.73 -0.07
N ASN A 285 18.92 32.58 -0.01
CA ASN A 285 17.55 32.08 -0.08
C ASN A 285 17.16 31.54 -1.45
N ASP A 286 17.47 32.34 -2.49
CA ASP A 286 17.07 32.07 -3.89
C ASP A 286 17.80 30.84 -4.42
N LEU A 287 17.01 29.91 -4.97
CA LEU A 287 17.56 28.63 -5.41
C LEU A 287 18.50 28.78 -6.62
N ASP A 288 18.12 29.58 -7.61
CA ASP A 288 19.00 29.84 -8.74
C ASP A 288 20.33 30.43 -8.30
N GLN A 289 20.28 31.41 -7.42
CA GLN A 289 21.48 32.01 -6.84
C GLN A 289 22.38 31.01 -6.10
N GLN A 290 21.77 30.06 -5.38
CA GLN A 290 22.53 28.96 -4.76
C GLN A 290 23.29 28.20 -5.84
N ASP A 291 22.59 27.89 -6.94
CA ASP A 291 23.17 27.20 -8.11
C ASP A 291 24.32 28.05 -8.69
N GLU A 292 24.11 29.35 -8.72
CA GLU A 292 25.13 30.32 -9.15
C GLU A 292 26.44 30.25 -8.33
N MET A 293 26.33 30.13 -7.02
CA MET A 293 27.50 30.11 -6.12
C MET A 293 28.21 28.76 -6.16
N GLY A 294 27.42 27.71 -6.32
CA GLY A 294 27.94 26.34 -6.41
C GLY A 294 28.61 25.86 -5.14
N PHE A 295 29.56 24.96 -5.34
CA PHE A 295 30.22 24.23 -4.26
C PHE A 295 31.74 24.30 -4.36
N THR A 296 32.41 24.26 -3.21
CA THR A 296 33.82 23.92 -3.20
C THR A 296 33.91 22.40 -3.32
N GLN A 297 35.12 21.84 -3.17
CA GLN A 297 35.27 20.38 -3.15
C GLN A 297 34.58 19.74 -1.93
N LYS A 298 34.34 20.54 -0.89
CA LYS A 298 33.66 20.01 0.31
C LYS A 298 32.22 20.50 0.51
N SER A 299 31.96 21.78 0.24
CA SER A 299 30.80 22.47 0.86
C SER A 299 30.11 23.49 -0.06
N PRO A 300 28.79 23.73 0.12
CA PRO A 300 28.16 24.81 -0.66
C PRO A 300 28.82 26.13 -0.32
N ARG A 301 29.03 26.98 -1.32
CA ARG A 301 29.53 28.34 -1.08
C ARG A 301 28.41 29.24 -0.60
N TRP A 302 27.18 28.71 -0.67
CA TRP A 302 25.96 29.51 -0.44
C TRP A 302 25.34 29.28 0.92
N ALA A 303 26.04 28.56 1.79
CA ALA A 303 25.52 28.30 3.13
C ALA A 303 26.64 28.18 4.15
N ILE A 304 26.31 28.49 5.39
CA ILE A 304 27.27 28.41 6.48
C ILE A 304 26.53 28.13 7.79
N ALA A 305 27.17 27.37 8.68
CA ALA A 305 26.56 27.03 9.97
C ALA A 305 27.29 27.86 11.02
N TYR A 306 26.63 28.87 11.56
CA TYR A 306 27.17 29.54 12.73
C TYR A 306 27.03 28.59 13.93
N LYS A 307 28.10 28.43 14.71
CA LYS A 307 28.11 27.56 15.90
C LYS A 307 28.19 28.33 17.20
N PHE A 308 27.22 28.13 18.08
CA PHE A 308 27.28 28.68 19.43
C PHE A 308 28.51 28.09 20.14
N PRO A 309 29.16 28.90 21.00
CA PRO A 309 30.35 28.42 21.70
C PRO A 309 30.03 27.35 22.74
N ALA B 2 19.89 5.25 -7.27
CA ALA B 2 18.88 5.10 -6.20
C ALA B 2 17.49 5.67 -6.37
N ASP B 3 17.30 6.83 -7.01
CA ASP B 3 15.95 7.17 -7.52
C ASP B 3 15.63 6.37 -8.81
N LEU B 4 15.05 5.19 -8.61
CA LEU B 4 14.69 4.29 -9.71
C LEU B 4 13.19 4.36 -10.04
N SER B 5 12.50 5.43 -9.64
CA SER B 5 11.04 5.52 -9.82
C SER B 5 10.62 5.31 -11.29
N SER B 6 11.36 5.91 -12.22
CA SER B 6 10.99 5.86 -13.63
C SER B 6 10.99 4.42 -14.12
N ARG B 7 12.08 3.70 -13.87
CA ARG B 7 12.20 2.30 -14.33
C ARG B 7 11.25 1.36 -13.61
N VAL B 8 11.08 1.54 -12.29
CA VAL B 8 10.12 0.73 -11.55
C VAL B 8 8.71 0.93 -12.10
N ASN B 9 8.29 2.18 -12.35
CA ASN B 9 6.93 2.37 -12.85
C ASN B 9 6.75 1.86 -14.27
N GLU B 10 7.80 1.96 -15.06
CA GLU B 10 7.84 1.33 -16.38
C GLU B 10 7.67 -0.18 -16.29
N LEU B 11 8.50 -0.82 -15.47
CA LEU B 11 8.43 -2.27 -15.32
C LEU B 11 7.06 -2.71 -14.82
N HIS B 12 6.50 -1.98 -13.86
CA HIS B 12 5.14 -2.27 -13.39
C HIS B 12 4.15 -2.22 -14.56
N ASP B 13 4.14 -1.13 -15.31
CA ASP B 13 3.24 -0.96 -16.47
C ASP B 13 3.37 -2.12 -17.49
N LEU B 14 4.61 -2.48 -17.85
CA LEU B 14 4.85 -3.50 -18.86
C LEU B 14 4.45 -4.90 -18.38
N LEU B 15 4.94 -5.29 -17.20
CA LEU B 15 4.60 -6.59 -16.64
C LEU B 15 3.09 -6.72 -16.37
N ASN B 16 2.46 -5.65 -15.92
CA ASN B 16 0.99 -5.66 -15.76
C ASN B 16 0.25 -5.83 -17.08
N GLN B 17 0.71 -5.12 -18.11
CA GLN B 17 0.12 -5.29 -19.44
C GLN B 17 0.36 -6.73 -19.97
N TYR B 18 1.58 -7.25 -19.85
CA TYR B 18 1.88 -8.60 -20.38
C TYR B 18 1.17 -9.72 -19.66
N SER B 19 1.06 -9.60 -18.34
CA SER B 19 0.29 -10.56 -17.54
C SER B 19 -1.19 -10.60 -17.95
N TYR B 20 -1.78 -9.43 -18.17
CA TYR B 20 -3.18 -9.32 -18.58
C TYR B 20 -3.36 -9.96 -19.95
N GLU B 21 -2.44 -9.65 -20.86
CA GLU B 21 -2.46 -10.23 -22.21
C GLU B 21 -2.34 -11.76 -22.22
N TYR B 22 -1.38 -12.27 -21.45
CA TYR B 22 -1.15 -13.70 -21.33
C TYR B 22 -2.36 -14.41 -20.66
N TYR B 23 -2.78 -13.89 -19.52
CA TYR B 23 -3.60 -14.65 -18.58
C TYR B 23 -5.06 -14.30 -18.55
N VAL B 24 -5.42 -13.16 -19.12
CA VAL B 24 -6.82 -12.71 -19.12
C VAL B 24 -7.31 -12.71 -20.55
N GLU B 25 -6.70 -11.89 -21.41
CA GLU B 25 -7.04 -11.90 -22.84
C GLU B 25 -6.67 -13.20 -23.57
N ASP B 26 -5.69 -13.92 -23.03
CA ASP B 26 -5.08 -15.06 -23.71
C ASP B 26 -4.65 -14.67 -25.15
N ASN B 27 -3.92 -13.56 -25.21
CA ASN B 27 -3.48 -13.01 -26.48
C ASN B 27 -2.17 -12.24 -26.31
N PRO B 28 -1.05 -12.97 -26.25
CA PRO B 28 0.25 -12.37 -25.92
C PRO B 28 0.75 -11.39 -26.98
N SER B 29 1.45 -10.35 -26.54
CA SER B 29 2.09 -9.41 -27.47
C SER B 29 3.60 -9.63 -27.58
N VAL B 30 4.19 -10.17 -26.52
CA VAL B 30 5.64 -10.37 -26.50
C VAL B 30 5.89 -11.84 -26.09
N PRO B 31 7.04 -12.43 -26.47
CA PRO B 31 7.27 -13.83 -26.08
C PRO B 31 7.69 -13.93 -24.61
N ASP B 32 7.57 -15.13 -24.02
CA ASP B 32 7.94 -15.42 -22.63
C ASP B 32 9.28 -14.83 -22.25
N SER B 33 10.25 -14.95 -23.14
CA SER B 33 11.62 -14.45 -22.91
C SER B 33 11.61 -12.98 -22.45
N GLU B 34 10.73 -12.17 -23.05
CA GLU B 34 10.60 -10.76 -22.71
C GLU B 34 9.96 -10.53 -21.35
N TYR B 35 8.81 -11.20 -21.11
CA TYR B 35 8.20 -11.16 -19.77
C TYR B 35 9.20 -11.55 -18.67
N ASP B 36 9.85 -12.70 -18.83
CA ASP B 36 10.76 -13.28 -17.83
C ASP B 36 11.94 -12.37 -17.55
N LYS B 37 12.51 -11.81 -18.61
CA LYS B 37 13.60 -10.82 -18.52
C LYS B 37 13.22 -9.59 -17.68
N LEU B 38 12.06 -9.00 -17.97
CA LEU B 38 11.59 -7.83 -17.24
C LEU B 38 11.25 -8.20 -15.80
N LEU B 39 10.67 -9.39 -15.62
CA LEU B 39 10.36 -9.83 -14.27
C LEU B 39 11.63 -10.04 -13.44
N HIS B 40 12.64 -10.68 -14.02
CA HIS B 40 13.89 -10.89 -13.28
C HIS B 40 14.53 -9.54 -12.92
N GLU B 41 14.36 -8.55 -13.79
CA GLU B 41 14.91 -7.20 -13.55
C GLU B 41 14.24 -6.52 -12.36
N LEU B 42 12.91 -6.56 -12.35
CA LEU B 42 12.15 -5.99 -11.22
C LEU B 42 12.54 -6.71 -9.93
N ILE B 43 12.66 -8.02 -10.00
CA ILE B 43 12.99 -8.79 -8.81
C ILE B 43 14.35 -8.32 -8.25
N LYS B 44 15.31 -8.15 -9.15
CA LYS B 44 16.65 -7.70 -8.78
C LYS B 44 16.56 -6.32 -8.16
N ILE B 45 15.75 -5.44 -8.77
CA ILE B 45 15.54 -4.08 -8.24
C ILE B 45 14.98 -4.11 -6.81
N GLU B 46 13.94 -4.92 -6.61
CA GLU B 46 13.33 -5.03 -5.30
C GLU B 46 14.26 -5.66 -4.27
N GLU B 47 15.15 -6.56 -4.69
CA GLU B 47 16.14 -7.16 -3.77
C GLU B 47 17.15 -6.12 -3.28
N GLU B 48 17.64 -5.31 -4.21
CA GLU B 48 18.73 -4.36 -3.94
C GLU B 48 18.24 -3.01 -3.45
N HIS B 49 16.99 -2.70 -3.79
CA HIS B 49 16.29 -1.46 -3.43
C HIS B 49 14.88 -1.79 -2.92
N PRO B 50 14.79 -2.39 -1.72
CA PRO B 50 13.50 -2.93 -1.21
C PRO B 50 12.46 -1.85 -0.95
N GLU B 51 12.89 -0.59 -0.95
CA GLU B 51 11.94 0.51 -0.76
C GLU B 51 10.97 0.55 -1.93
N TYR B 52 11.30 -0.14 -3.03
CA TYR B 52 10.41 -0.12 -4.21
C TYR B 52 9.33 -1.23 -4.19
N LYS B 53 9.41 -2.13 -3.21
CA LYS B 53 8.39 -3.16 -3.06
C LYS B 53 7.00 -2.51 -2.82
N THR B 54 5.95 -3.11 -3.37
CA THR B 54 4.60 -2.58 -3.18
C THR B 54 3.65 -3.75 -3.10
N VAL B 55 2.51 -3.55 -2.43
CA VAL B 55 1.48 -4.59 -2.27
C VAL B 55 1.00 -5.16 -3.63
N ASP B 56 1.02 -4.34 -4.68
CA ASP B 56 0.48 -4.76 -5.98
C ASP B 56 1.58 -4.96 -7.03
N SER B 57 2.80 -5.20 -6.58
CA SER B 57 3.92 -5.39 -7.50
C SER B 57 3.75 -6.71 -8.28
N PRO B 58 4.14 -6.73 -9.57
CA PRO B 58 4.12 -8.00 -10.32
C PRO B 58 4.86 -9.14 -9.60
N THR B 59 5.82 -8.80 -8.74
CA THR B 59 6.60 -9.84 -8.03
C THR B 59 5.78 -10.60 -6.99
N VAL B 60 4.62 -10.06 -6.64
CA VAL B 60 3.68 -10.74 -5.75
C VAL B 60 3.30 -12.10 -6.35
N ARG B 61 3.27 -12.16 -7.69
CA ARG B 61 2.83 -13.37 -8.40
C ARG B 61 3.75 -14.55 -8.17
N VAL B 62 5.04 -14.31 -7.88
CA VAL B 62 5.96 -15.45 -7.66
C VAL B 62 5.75 -16.14 -6.31
N GLY B 63 4.97 -15.51 -5.43
CA GLY B 63 4.78 -16.03 -4.09
C GLY B 63 5.96 -15.61 -3.24
N GLY B 64 5.89 -15.89 -1.95
CA GLY B 64 6.98 -15.52 -1.09
C GLY B 64 6.93 -16.17 0.26
N GLU B 65 7.43 -15.41 1.23
CA GLU B 65 7.65 -15.85 2.62
C GLU B 65 6.37 -16.15 3.43
N ALA B 66 5.44 -15.20 3.42
CA ALA B 66 4.25 -15.30 4.26
C ALA B 66 3.36 -16.46 3.83
N GLN B 67 2.84 -17.19 4.81
CA GLN B 67 2.01 -18.35 4.49
C GLN B 67 0.53 -18.02 4.73
N ALA B 68 -0.35 -18.68 3.97
CA ALA B 68 -1.78 -18.62 4.21
C ALA B 68 -2.06 -19.04 5.66
N SER B 69 -2.91 -18.29 6.35
CA SER B 69 -3.28 -18.64 7.73
C SER B 69 -4.19 -19.85 7.84
N PHE B 70 -5.06 -20.04 6.84
CA PHE B 70 -6.15 -21.03 6.86
C PHE B 70 -7.10 -20.79 8.02
N ASN B 71 -7.00 -19.62 8.62
CA ASN B 71 -7.95 -19.21 9.64
C ASN B 71 -9.38 -19.20 9.12
N LYS B 72 -10.30 -19.54 10.00
CA LYS B 72 -11.73 -19.42 9.74
C LYS B 72 -12.15 -17.96 9.76
N VAL B 73 -12.75 -17.50 8.67
CA VAL B 73 -13.14 -16.11 8.53
C VAL B 73 -14.53 -16.09 7.93
N ASN B 74 -15.41 -15.27 8.50
CA ASN B 74 -16.75 -15.06 7.95
C ASN B 74 -16.67 -14.17 6.74
N HIS B 75 -17.33 -14.58 5.66
CA HIS B 75 -17.57 -13.70 4.49
C HIS B 75 -18.32 -12.42 4.93
N ASP B 76 -18.07 -11.30 4.24
CA ASP B 76 -18.84 -10.04 4.47
C ASP B 76 -20.32 -10.33 4.22
N THR B 77 -20.58 -11.17 3.22
CA THR B 77 -21.93 -11.51 2.80
C THR B 77 -21.91 -13.03 2.48
N PRO B 78 -22.81 -13.79 3.10
CA PRO B 78 -22.84 -15.25 2.83
C PRO B 78 -23.08 -15.54 1.35
N MET B 79 -22.44 -16.60 0.89
CA MET B 79 -22.52 -17.01 -0.51
C MET B 79 -23.78 -17.86 -0.72
N LEU B 80 -24.40 -17.73 -1.88
CA LEU B 80 -25.68 -18.41 -2.17
C LEU B 80 -25.54 -19.91 -2.33
N SER B 81 -26.64 -20.62 -2.14
CA SER B 81 -26.68 -22.05 -2.39
C SER B 81 -27.79 -22.25 -3.43
N LEU B 82 -27.44 -22.75 -4.61
CA LEU B 82 -28.44 -22.85 -5.71
C LEU B 82 -29.17 -24.18 -5.71
N GLY B 83 -30.46 -24.15 -6.05
CA GLY B 83 -31.22 -25.38 -6.34
C GLY B 83 -30.73 -25.97 -7.66
N ASN B 84 -30.92 -27.27 -7.83
CA ASN B 84 -30.43 -27.97 -9.00
C ASN B 84 -31.54 -28.35 -9.96
N ALA B 85 -31.18 -28.50 -11.23
CA ALA B 85 -32.08 -29.04 -12.23
C ALA B 85 -31.38 -30.14 -13.00
N PHE B 86 -32.13 -31.18 -13.35
CA PHE B 86 -31.54 -32.36 -13.98
C PHE B 86 -32.05 -32.66 -15.39
N ASN B 87 -33.14 -31.99 -15.80
CA ASN B 87 -33.69 -32.23 -17.13
C ASN B 87 -34.52 -31.05 -17.60
N GLU B 88 -35.04 -31.16 -18.83
CA GLU B 88 -35.92 -30.13 -19.37
C GLU B 88 -37.14 -29.84 -18.49
N ASP B 89 -37.80 -30.89 -18.00
CA ASP B 89 -38.95 -30.76 -17.08
C ASP B 89 -38.63 -29.80 -15.89
N ASP B 90 -37.52 -30.05 -15.20
CA ASP B 90 -37.04 -29.20 -14.09
C ASP B 90 -36.90 -27.71 -14.49
N LEU B 91 -36.30 -27.49 -15.64
CA LEU B 91 -36.06 -26.13 -16.14
C LEU B 91 -37.39 -25.47 -16.53
N ARG B 92 -38.27 -26.24 -17.15
CA ARG B 92 -39.61 -25.70 -17.42
C ARG B 92 -40.40 -25.34 -16.17
N LYS B 93 -40.29 -26.13 -15.09
CA LYS B 93 -40.96 -25.77 -13.81
C LYS B 93 -40.40 -24.48 -13.26
N PHE B 94 -39.07 -24.36 -13.34
CA PHE B 94 -38.36 -23.20 -12.86
C PHE B 94 -38.92 -21.99 -13.59
N ASP B 95 -38.90 -22.07 -14.92
CA ASP B 95 -39.39 -21.00 -15.79
C ASP B 95 -40.86 -20.61 -15.51
N GLN B 96 -41.71 -21.61 -15.33
CA GLN B 96 -43.13 -21.37 -15.09
C GLN B 96 -43.37 -20.64 -13.79
N ARG B 97 -42.65 -21.04 -12.73
CA ARG B 97 -42.80 -20.37 -11.44
C ARG B 97 -42.41 -18.92 -11.51
N ILE B 98 -41.41 -18.59 -12.34
CA ILE B 98 -41.02 -17.21 -12.53
C ILE B 98 -42.10 -16.47 -13.35
N ARG B 99 -42.47 -17.04 -14.49
CA ARG B 99 -43.46 -16.45 -15.41
C ARG B 99 -44.85 -16.23 -14.78
N GLU B 100 -45.21 -17.07 -13.80
CA GLU B 100 -46.49 -16.95 -13.07
C GLU B 100 -46.47 -15.82 -12.04
N GLN B 101 -45.28 -15.48 -11.53
CA GLN B 101 -45.13 -14.48 -10.47
C GLN B 101 -44.81 -13.08 -10.98
N ILE B 102 -43.82 -12.97 -11.87
CA ILE B 102 -43.32 -11.65 -12.30
C ILE B 102 -43.42 -11.42 -13.82
N GLY B 103 -43.83 -12.43 -14.57
CA GLY B 103 -44.03 -12.26 -16.01
C GLY B 103 -42.90 -12.84 -16.82
N ASN B 104 -42.85 -12.49 -18.11
CA ASN B 104 -41.79 -12.98 -19.00
C ASN B 104 -40.48 -12.23 -18.79
N VAL B 105 -39.40 -12.97 -18.58
CA VAL B 105 -38.11 -12.43 -18.13
C VAL B 105 -37.02 -12.81 -19.08
N GLU B 106 -35.97 -11.98 -19.11
CA GLU B 106 -34.76 -12.34 -19.79
C GLU B 106 -33.93 -13.18 -18.83
N TYR B 107 -33.28 -14.23 -19.35
CA TYR B 107 -32.35 -15.03 -18.56
C TYR B 107 -30.91 -14.80 -18.96
N MET B 108 -30.01 -14.95 -18.01
CA MET B 108 -28.62 -15.09 -18.38
C MET B 108 -28.20 -16.53 -18.14
N CYS B 109 -27.51 -17.09 -19.12
CA CYS B 109 -26.96 -18.45 -19.01
C CYS B 109 -25.45 -18.41 -18.94
N GLU B 110 -24.89 -19.25 -18.07
CA GLU B 110 -23.44 -19.28 -17.94
C GLU B 110 -22.96 -20.68 -17.64
N LEU B 111 -21.73 -20.98 -18.02
CA LEU B 111 -21.11 -22.26 -17.71
C LEU B 111 -20.77 -22.35 -16.22
N LYS B 112 -21.11 -23.49 -15.60
CA LYS B 112 -20.80 -23.76 -14.20
C LYS B 112 -19.43 -24.40 -14.11
N ILE B 113 -18.45 -23.60 -13.73
CA ILE B 113 -17.07 -24.06 -13.65
C ILE B 113 -16.92 -25.08 -12.54
N ASP B 114 -16.28 -26.21 -12.86
CA ASP B 114 -16.03 -27.22 -11.83
C ASP B 114 -14.77 -26.89 -11.04
N GLY B 115 -14.83 -25.79 -10.29
CA GLY B 115 -13.66 -25.30 -9.59
C GLY B 115 -13.85 -25.27 -8.10
N LEU B 116 -13.05 -24.43 -7.44
CA LEU B 116 -13.20 -24.20 -6.03
C LEU B 116 -13.74 -22.80 -5.88
N ALA B 117 -14.91 -22.69 -5.25
CA ALA B 117 -15.55 -21.39 -5.07
C ALA B 117 -14.77 -20.57 -4.06
N VAL B 118 -14.60 -19.29 -4.36
CA VAL B 118 -13.84 -18.38 -3.54
C VAL B 118 -14.52 -17.01 -3.48
N SER B 119 -14.30 -16.31 -2.37
CA SER B 119 -14.73 -14.92 -2.21
C SER B 119 -13.47 -14.08 -2.13
N LEU B 120 -13.44 -12.96 -2.85
CA LEU B 120 -12.23 -12.14 -2.98
C LEU B 120 -12.60 -10.72 -2.59
N LYS B 121 -12.09 -10.27 -1.46
CA LYS B 121 -12.52 -9.01 -0.90
C LYS B 121 -11.54 -7.93 -1.31
N TYR B 122 -12.10 -6.80 -1.74
CA TYR B 122 -11.33 -5.66 -2.18
C TYR B 122 -11.70 -4.50 -1.27
N VAL B 123 -10.68 -3.76 -0.82
CA VAL B 123 -10.89 -2.62 0.08
C VAL B 123 -10.09 -1.51 -0.56
N ASP B 124 -10.77 -0.40 -0.87
CA ASP B 124 -10.14 0.69 -1.57
C ASP B 124 -9.57 0.20 -2.90
N GLY B 125 -10.21 -0.81 -3.51
CA GLY B 125 -9.77 -1.32 -4.80
C GLY B 125 -8.60 -2.29 -4.79
N TYR B 126 -8.02 -2.55 -3.62
CA TYR B 126 -6.94 -3.52 -3.46
C TYR B 126 -7.45 -4.88 -3.01
N PHE B 127 -6.87 -5.93 -3.57
CA PHE B 127 -7.16 -7.31 -3.14
C PHE B 127 -6.54 -7.56 -1.76
N VAL B 128 -7.38 -7.72 -0.75
CA VAL B 128 -6.88 -7.82 0.61
C VAL B 128 -7.19 -9.14 1.34
N GLN B 129 -8.15 -9.92 0.82
CA GLN B 129 -8.49 -11.17 1.45
C GLN B 129 -9.18 -12.12 0.46
N GLY B 130 -8.71 -13.37 0.43
CA GLY B 130 -9.34 -14.43 -0.38
C GLY B 130 -9.67 -15.62 0.47
N LEU B 131 -10.95 -16.04 0.46
CA LEU B 131 -11.44 -17.13 1.31
C LEU B 131 -12.04 -18.20 0.42
N THR B 132 -11.90 -19.46 0.80
CA THR B 132 -12.73 -20.53 0.21
C THR B 132 -14.22 -20.29 0.60
N ARG B 133 -15.15 -20.87 -0.15
CA ARG B 133 -16.56 -20.69 0.18
C ARG B 133 -16.89 -21.24 1.60
N GLY B 134 -16.28 -22.37 1.96
CA GLY B 134 -16.48 -23.02 3.27
C GLY B 134 -17.89 -23.57 3.36
N ASP B 135 -18.59 -23.24 4.44
CA ASP B 135 -20.03 -23.55 4.53
C ASP B 135 -20.95 -22.48 3.93
N GLY B 136 -20.38 -21.50 3.23
CA GLY B 136 -21.16 -20.42 2.68
C GLY B 136 -21.18 -19.17 3.56
N THR B 137 -20.95 -19.38 4.87
CA THR B 137 -20.93 -18.26 5.82
C THR B 137 -19.51 -17.99 6.27
N THR B 138 -18.78 -19.08 6.53
CA THR B 138 -17.42 -19.07 7.04
C THR B 138 -16.49 -19.85 6.11
N GLY B 139 -15.36 -19.25 5.71
CA GLY B 139 -14.40 -19.91 4.82
C GLY B 139 -13.01 -19.95 5.45
N GLU B 140 -12.03 -20.47 4.71
CA GLU B 140 -10.64 -20.52 5.12
C GLU B 140 -9.85 -19.46 4.35
N ASP B 141 -9.02 -18.73 5.05
CA ASP B 141 -8.16 -17.69 4.50
C ASP B 141 -7.01 -18.29 3.68
N ILE B 142 -7.10 -18.21 2.36
CA ILE B 142 -6.00 -18.67 1.49
C ILE B 142 -5.45 -17.49 0.69
N THR B 143 -5.52 -16.28 1.27
CA THR B 143 -5.16 -15.05 0.58
C THR B 143 -3.79 -15.12 -0.10
N GLU B 144 -2.77 -15.52 0.67
CA GLU B 144 -1.39 -15.55 0.15
C GLU B 144 -1.22 -16.44 -1.08
N ASN B 145 -1.98 -17.53 -1.13
CA ASN B 145 -1.99 -18.44 -2.28
C ASN B 145 -2.73 -17.90 -3.50
N LEU B 146 -3.90 -17.32 -3.26
CA LEU B 146 -4.72 -16.71 -4.33
C LEU B 146 -4.02 -15.54 -5.01
N LYS B 147 -3.17 -14.86 -4.24
CA LYS B 147 -2.40 -13.75 -4.80
C LYS B 147 -1.50 -14.13 -5.97
N THR B 148 -1.15 -15.41 -6.05
CA THR B 148 -0.25 -15.90 -7.11
C THR B 148 -0.98 -16.22 -8.43
N ILE B 149 -2.31 -16.16 -8.39
CA ILE B 149 -3.10 -16.40 -9.61
C ILE B 149 -3.21 -15.12 -10.42
N HIS B 150 -2.58 -15.09 -11.59
CA HIS B 150 -2.51 -13.87 -12.41
C HIS B 150 -3.89 -13.35 -12.80
N ALA B 151 -4.85 -14.25 -13.01
CA ALA B 151 -6.22 -13.86 -13.37
C ALA B 151 -7.01 -13.12 -12.25
N ILE B 152 -6.44 -13.04 -11.06
CA ILE B 152 -7.01 -12.22 -9.97
C ILE B 152 -6.24 -10.88 -9.95
N PRO B 153 -6.96 -9.74 -10.13
CA PRO B 153 -6.22 -8.49 -10.12
C PRO B 153 -5.84 -8.10 -8.68
N LEU B 154 -4.62 -7.56 -8.54
CA LEU B 154 -4.19 -7.11 -7.23
C LEU B 154 -4.77 -5.73 -6.91
N LYS B 155 -5.17 -5.00 -7.96
CA LYS B 155 -5.79 -3.67 -7.84
C LYS B 155 -6.81 -3.54 -8.95
N MET B 156 -8.06 -3.23 -8.60
CA MET B 156 -9.09 -3.00 -9.63
C MET B 156 -9.06 -1.55 -10.14
N LYS B 157 -9.80 -1.27 -11.22
CA LYS B 157 -9.77 0.04 -11.86
C LYS B 157 -10.49 1.17 -11.10
N GLU B 158 -11.27 0.83 -10.08
CA GLU B 158 -11.93 1.79 -9.20
C GLU B 158 -11.80 1.35 -7.76
N PRO B 159 -11.56 2.29 -6.82
CA PRO B 159 -11.27 1.88 -5.44
C PRO B 159 -12.47 1.38 -4.62
N LEU B 160 -13.13 0.32 -5.07
CA LEU B 160 -14.34 -0.16 -4.39
C LEU B 160 -14.03 -1.04 -3.18
N ASN B 161 -15.02 -1.14 -2.31
CA ASN B 161 -15.02 -2.02 -1.15
C ASN B 161 -16.07 -3.05 -1.48
N VAL B 162 -15.64 -4.15 -2.11
CA VAL B 162 -16.57 -5.18 -2.56
C VAL B 162 -15.96 -6.55 -2.30
N GLU B 163 -16.82 -7.58 -2.23
CA GLU B 163 -16.39 -8.97 -2.18
C GLU B 163 -16.86 -9.59 -3.49
N VAL B 164 -15.92 -10.00 -4.35
CA VAL B 164 -16.36 -10.59 -5.61
C VAL B 164 -16.35 -12.11 -5.41
N ARG B 165 -17.13 -12.85 -6.18
CA ARG B 165 -17.18 -14.29 -6.01
C ARG B 165 -16.67 -14.91 -7.29
N GLY B 166 -15.90 -15.96 -7.16
CA GLY B 166 -15.34 -16.62 -8.32
C GLY B 166 -15.15 -18.12 -8.16
N GLU B 167 -14.78 -18.74 -9.28
CA GLU B 167 -14.39 -20.15 -9.30
C GLU B 167 -12.94 -20.26 -9.67
N ALA B 168 -12.12 -20.75 -8.74
CA ALA B 168 -10.69 -20.96 -9.01
C ALA B 168 -10.48 -22.34 -9.58
N TYR B 169 -9.66 -22.46 -10.62
CA TYR B 169 -9.53 -23.77 -11.27
C TYR B 169 -8.14 -23.95 -11.87
N MET B 170 -7.86 -25.20 -12.25
CA MET B 170 -6.70 -25.52 -13.04
C MET B 170 -7.15 -25.94 -14.45
N PRO B 171 -6.62 -25.28 -15.50
CA PRO B 171 -6.89 -25.69 -16.88
C PRO B 171 -6.62 -27.19 -17.08
N ARG B 172 -7.47 -27.83 -17.89
CA ARG B 172 -7.39 -29.28 -18.11
C ARG B 172 -5.96 -29.74 -18.48
N ARG B 173 -5.35 -29.06 -19.44
CA ARG B 173 -4.06 -29.48 -19.96
C ARG B 173 -2.95 -29.34 -18.93
N SER B 174 -3.01 -28.26 -18.14
CA SER B 174 -2.03 -28.06 -17.06
C SER B 174 -2.15 -29.16 -16.01
N PHE B 175 -3.38 -29.60 -15.76
CA PHE B 175 -3.63 -30.74 -14.91
C PHE B 175 -2.96 -32.01 -15.51
N LEU B 176 -3.19 -32.27 -16.79
CA LEU B 176 -2.62 -33.47 -17.43
C LEU B 176 -1.10 -33.48 -17.40
N ARG B 177 -0.51 -32.32 -17.68
CA ARG B 177 0.95 -32.15 -17.65
C ARG B 177 1.49 -32.32 -16.23
N LEU B 178 0.77 -31.79 -15.25
CA LEU B 178 1.12 -31.98 -13.84
C LEU B 178 1.15 -33.45 -13.46
N ASN B 179 0.09 -34.18 -13.83
CA ASN B 179 0.04 -35.62 -13.66
C ASN B 179 1.17 -36.37 -14.35
N GLU B 180 1.55 -35.93 -15.54
CA GLU B 180 2.70 -36.52 -16.22
C GLU B 180 3.98 -36.37 -15.37
N GLU B 181 4.13 -35.22 -14.70
CA GLU B 181 5.30 -34.99 -13.83
C GLU B 181 5.23 -35.85 -12.59
N LYS B 182 4.04 -36.01 -12.03
CA LYS B 182 3.82 -36.85 -10.86
C LYS B 182 4.21 -38.31 -11.13
N GLU B 183 3.82 -38.80 -12.31
CA GLU B 183 4.14 -40.16 -12.72
C GLU B 183 5.65 -40.32 -12.96
N LYS B 184 6.24 -39.33 -13.62
CA LYS B 184 7.71 -39.23 -13.80
C LYS B 184 8.48 -39.37 -12.49
N ASN B 185 7.84 -39.00 -11.40
CA ASN B 185 8.47 -38.97 -10.08
C ASN B 185 7.79 -39.97 -9.14
N ASP B 186 7.13 -40.95 -9.77
CA ASP B 186 6.23 -41.91 -9.09
C ASP B 186 5.53 -41.36 -7.84
N GLU B 187 4.80 -40.26 -8.05
CA GLU B 187 3.92 -39.71 -7.04
C GLU B 187 2.51 -40.09 -7.42
N GLN B 188 1.61 -40.07 -6.44
CA GLN B 188 0.20 -40.28 -6.70
C GLN B 188 -0.33 -39.16 -7.58
N LEU B 189 -1.02 -39.52 -8.65
CA LEU B 189 -1.64 -38.56 -9.55
C LEU B 189 -2.91 -37.99 -8.94
N PHE B 190 -3.17 -36.71 -9.18
CA PHE B 190 -4.46 -36.09 -8.82
C PHE B 190 -5.59 -36.73 -9.61
N ALA B 191 -6.76 -36.79 -9.00
CA ALA B 191 -7.92 -37.46 -9.60
C ALA B 191 -8.49 -36.72 -10.80
N ASN B 192 -8.42 -35.40 -10.77
CA ASN B 192 -9.07 -34.53 -11.73
C ASN B 192 -8.55 -33.10 -11.49
N PRO B 193 -8.81 -32.17 -12.43
CA PRO B 193 -8.38 -30.77 -12.32
C PRO B 193 -8.80 -30.06 -11.03
N ARG B 194 -9.99 -30.38 -10.52
CA ARG B 194 -10.49 -29.72 -9.32
C ARG B 194 -9.67 -30.12 -8.10
N ASN B 195 -9.41 -31.43 -7.98
CA ASN B 195 -8.57 -31.96 -6.91
C ASN B 195 -7.15 -31.38 -6.96
N ALA B 196 -6.59 -31.25 -8.16
CA ALA B 196 -5.26 -30.64 -8.35
C ALA B 196 -5.26 -29.17 -7.94
N ALA B 197 -6.31 -28.43 -8.30
CA ALA B 197 -6.41 -27.01 -7.91
C ALA B 197 -6.65 -26.86 -6.40
N ALA B 198 -7.45 -27.76 -5.83
CA ALA B 198 -7.65 -27.84 -4.37
C ALA B 198 -6.32 -28.05 -3.68
N GLY B 199 -5.62 -29.12 -4.05
CA GLY B 199 -4.28 -29.42 -3.52
C GLY B 199 -3.34 -28.22 -3.65
N SER B 200 -3.38 -27.55 -4.80
CA SER B 200 -2.47 -26.44 -5.03
C SER B 200 -2.74 -25.21 -4.14
N LEU B 201 -4.02 -24.99 -3.79
CA LEU B 201 -4.45 -23.84 -2.97
C LEU B 201 -4.38 -24.11 -1.47
N ARG B 202 -4.59 -25.37 -1.09
CA ARG B 202 -4.66 -25.77 0.33
C ARG B 202 -3.36 -26.42 0.70
N GLN B 203 -2.27 -25.65 0.57
CA GLN B 203 -0.94 -25.98 1.05
C GLN B 203 -0.26 -24.71 1.56
N LEU B 204 0.90 -24.84 2.19
CA LEU B 204 1.42 -23.72 2.99
C LEU B 204 2.35 -22.76 2.26
N ASP B 205 3.02 -23.24 1.22
CA ASP B 205 3.99 -22.44 0.48
C ASP B 205 3.36 -21.84 -0.76
N SER B 206 3.17 -20.52 -0.75
CA SER B 206 2.58 -19.80 -1.88
C SER B 206 3.50 -19.86 -3.09
N LYS B 207 4.81 -20.07 -2.87
CA LYS B 207 5.71 -20.22 -4.02
C LYS B 207 5.41 -21.51 -4.80
N LEU B 208 4.91 -22.52 -4.09
CA LEU B 208 4.48 -23.76 -4.74
C LEU B 208 3.15 -23.57 -5.48
N THR B 209 2.20 -22.83 -4.89
CA THR B 209 0.96 -22.45 -5.59
C THR B 209 1.26 -21.68 -6.88
N ALA B 210 2.22 -20.75 -6.79
CA ALA B 210 2.68 -19.93 -7.91
C ALA B 210 3.14 -20.75 -9.11
N LYS B 211 3.77 -21.90 -8.88
CA LYS B 211 4.35 -22.77 -9.93
C LYS B 211 3.26 -23.62 -10.59
N ARG B 212 2.09 -23.65 -9.98
CA ARG B 212 0.97 -24.41 -10.48
C ARG B 212 0.23 -23.47 -11.43
N LYS B 213 -0.55 -24.01 -12.34
CA LYS B 213 -1.16 -23.14 -13.34
C LYS B 213 -2.62 -23.02 -12.99
N LEU B 214 -2.99 -21.92 -12.33
CA LEU B 214 -4.37 -21.71 -11.91
C LEU B 214 -4.96 -20.48 -12.58
N SER B 215 -6.28 -20.44 -12.69
CA SER B 215 -6.92 -19.22 -13.13
C SER B 215 -8.22 -19.06 -12.34
N VAL B 216 -9.01 -18.03 -12.69
CA VAL B 216 -10.32 -17.84 -12.07
C VAL B 216 -11.30 -17.26 -13.08
N PHE B 217 -12.59 -17.53 -12.87
CA PHE B 217 -13.68 -16.76 -13.48
C PHE B 217 -14.54 -16.17 -12.37
N ILE B 218 -14.73 -14.86 -12.45
CA ILE B 218 -15.56 -14.14 -11.51
C ILE B 218 -16.98 -14.17 -12.06
N TYR B 219 -17.94 -14.47 -11.19
CA TYR B 219 -19.35 -14.56 -11.61
C TYR B 219 -20.32 -13.62 -10.90
N SER B 220 -19.94 -13.08 -9.73
CA SER B 220 -20.84 -12.16 -9.04
C SER B 220 -20.10 -11.29 -8.06
N VAL B 221 -20.88 -10.45 -7.36
CA VAL B 221 -20.38 -9.60 -6.29
C VAL B 221 -21.42 -9.57 -5.16
N ASN B 222 -20.95 -9.30 -3.94
CA ASN B 222 -21.85 -9.30 -2.77
C ASN B 222 -22.87 -8.14 -2.74
N ASP B 223 -22.49 -7.02 -3.34
CA ASP B 223 -23.16 -5.73 -3.16
C ASP B 223 -23.02 -4.94 -4.46
N PHE B 224 -24.16 -4.58 -5.05
CA PHE B 224 -24.22 -3.87 -6.32
C PHE B 224 -24.31 -2.37 -6.17
N THR B 225 -24.26 -1.87 -4.94
CA THR B 225 -24.39 -0.42 -4.66
C THR B 225 -23.59 0.47 -5.61
N ASP B 226 -22.32 0.13 -5.83
CA ASP B 226 -21.43 0.95 -6.63
C ASP B 226 -21.33 0.55 -8.10
N PHE B 227 -22.28 -0.28 -8.53
CA PHE B 227 -22.27 -0.76 -9.89
C PHE B 227 -23.38 -0.05 -10.66
N ASN B 228 -23.08 0.37 -11.89
CA ASN B 228 -24.08 0.92 -12.79
C ASN B 228 -25.04 -0.12 -13.38
N ALA B 229 -24.60 -1.39 -13.35
CA ALA B 229 -25.34 -2.52 -13.91
C ALA B 229 -26.79 -2.62 -13.45
N ARG B 230 -27.66 -2.99 -14.39
CA ARG B 230 -29.07 -3.16 -14.07
C ARG B 230 -29.43 -4.65 -14.18
N SER B 231 -28.46 -5.44 -14.60
CA SER B 231 -28.68 -6.89 -14.83
C SER B 231 -27.42 -7.67 -14.51
N GLN B 232 -27.56 -8.99 -14.40
CA GLN B 232 -26.39 -9.84 -14.18
C GLN B 232 -25.38 -9.71 -15.32
N SER B 233 -25.87 -9.65 -16.56
CA SER B 233 -24.97 -9.59 -17.71
C SER B 233 -24.24 -8.26 -17.72
N GLU B 234 -24.97 -7.17 -17.44
CA GLU B 234 -24.33 -5.87 -17.31
C GLU B 234 -23.29 -5.85 -16.21
N ALA B 235 -23.59 -6.51 -15.08
CA ALA B 235 -22.64 -6.66 -13.95
C ALA B 235 -21.34 -7.37 -14.36
N LEU B 236 -21.46 -8.42 -15.18
CA LEU B 236 -20.27 -9.12 -15.65
C LEU B 236 -19.43 -8.27 -16.61
N ASP B 237 -20.09 -7.55 -17.54
CA ASP B 237 -19.41 -6.55 -18.39
C ASP B 237 -18.70 -5.51 -17.52
N GLU B 238 -19.35 -5.07 -16.47
CA GLU B 238 -18.77 -4.04 -15.60
C GLU B 238 -17.56 -4.62 -14.86
N LEU B 239 -17.70 -5.83 -14.36
CA LEU B 239 -16.55 -6.51 -13.75
C LEU B 239 -15.37 -6.56 -14.73
N ASP B 240 -15.64 -6.92 -15.99
CA ASP B 240 -14.63 -6.83 -17.05
C ASP B 240 -13.94 -5.46 -17.08
N LYS B 241 -14.75 -4.40 -17.13
CA LYS B 241 -14.17 -3.04 -17.15
C LYS B 241 -13.35 -2.68 -15.90
N LEU B 242 -13.74 -3.24 -14.75
CA LEU B 242 -13.06 -2.99 -13.48
C LEU B 242 -11.76 -3.76 -13.35
N GLY B 243 -11.48 -4.68 -14.29
CA GLY B 243 -10.21 -5.40 -14.32
C GLY B 243 -10.27 -6.89 -14.01
N PHE B 244 -11.49 -7.43 -13.87
CA PHE B 244 -11.65 -8.85 -13.46
C PHE B 244 -11.67 -9.80 -14.65
N THR B 245 -11.50 -11.10 -14.37
CA THR B 245 -11.50 -12.14 -15.39
C THR B 245 -12.86 -12.83 -15.32
N THR B 246 -13.64 -12.70 -16.39
CA THR B 246 -14.96 -13.31 -16.46
C THR B 246 -15.03 -14.35 -17.57
N ASN B 247 -16.07 -15.16 -17.54
CA ASN B 247 -16.27 -16.17 -18.58
C ASN B 247 -17.03 -15.63 -19.81
N LYS B 248 -16.38 -15.67 -20.96
CA LYS B 248 -16.92 -15.07 -22.17
C LYS B 248 -18.07 -15.88 -22.81
N ASN B 249 -18.31 -17.09 -22.32
CA ASN B 249 -19.37 -17.95 -22.91
C ASN B 249 -20.77 -17.76 -22.30
N ARG B 250 -20.92 -16.73 -21.47
CA ARG B 250 -22.25 -16.38 -20.95
C ARG B 250 -23.11 -15.88 -22.10
N ALA B 251 -24.43 -15.99 -21.94
CA ALA B 251 -25.34 -15.50 -22.97
C ALA B 251 -26.64 -15.01 -22.36
N ARG B 252 -27.17 -13.89 -22.85
CA ARG B 252 -28.56 -13.51 -22.54
C ARG B 252 -29.50 -14.25 -23.49
N VAL B 253 -30.56 -14.83 -22.95
CA VAL B 253 -31.60 -15.43 -23.78
C VAL B 253 -32.97 -14.85 -23.41
N ASN B 254 -33.93 -14.94 -24.32
CA ASN B 254 -35.25 -14.31 -24.16
C ASN B 254 -36.27 -15.14 -23.40
N ASN B 255 -36.11 -16.47 -23.44
CA ASN B 255 -37.05 -17.41 -22.87
C ASN B 255 -36.42 -18.79 -22.61
N ILE B 256 -37.24 -19.75 -22.19
CA ILE B 256 -36.73 -21.06 -21.74
C ILE B 256 -36.26 -21.90 -22.91
N ASP B 257 -36.82 -21.63 -24.08
CA ASP B 257 -36.38 -22.28 -25.30
C ASP B 257 -34.94 -21.89 -25.61
N GLY B 258 -34.58 -20.63 -25.31
CA GLY B 258 -33.20 -20.19 -25.48
C GLY B 258 -32.28 -20.85 -24.46
N VAL B 259 -32.78 -21.06 -23.24
CA VAL B 259 -32.01 -21.71 -22.18
C VAL B 259 -31.74 -23.17 -22.54
N LEU B 260 -32.77 -23.87 -23.01
CA LEU B 260 -32.60 -25.23 -23.44
C LEU B 260 -31.59 -25.34 -24.61
N GLU B 261 -31.68 -24.42 -25.55
CA GLU B 261 -30.76 -24.35 -26.68
C GLU B 261 -29.31 -24.18 -26.19
N TYR B 262 -29.11 -23.24 -25.26
CA TYR B 262 -27.77 -23.02 -24.67
C TYR B 262 -27.23 -24.31 -24.01
N ILE B 263 -28.07 -25.00 -23.24
CA ILE B 263 -27.64 -26.27 -22.65
C ILE B 263 -27.30 -27.32 -23.72
N GLU B 264 -28.16 -27.43 -24.73
CA GLU B 264 -27.88 -28.40 -25.80
C GLU B 264 -26.54 -28.12 -26.47
N LYS B 265 -26.28 -26.83 -26.76
CA LYS B 265 -25.00 -26.40 -27.33
C LYS B 265 -23.84 -26.88 -26.47
N TRP B 266 -23.89 -26.56 -25.16
CA TRP B 266 -22.76 -26.83 -24.28
C TRP B 266 -22.62 -28.29 -23.87
N THR B 267 -23.69 -29.06 -24.06
CA THR B 267 -23.57 -30.51 -23.97
C THR B 267 -22.52 -31.00 -24.98
N SER B 268 -22.62 -30.56 -26.23
CA SER B 268 -21.68 -30.96 -27.30
C SER B 268 -20.35 -30.22 -27.28
N GLN B 269 -20.36 -28.97 -26.84
CA GLN B 269 -19.15 -28.16 -26.93
C GLN B 269 -18.27 -28.21 -25.69
N ARG B 270 -18.82 -28.65 -24.55
CA ARG B 270 -18.05 -28.68 -23.30
C ARG B 270 -16.72 -29.45 -23.45
N GLU B 271 -16.74 -30.49 -24.29
CA GLU B 271 -15.57 -31.32 -24.56
C GLU B 271 -14.35 -30.52 -24.99
N SER B 272 -14.58 -29.45 -25.75
CA SER B 272 -13.52 -28.65 -26.33
C SER B 272 -12.97 -27.56 -25.40
N LEU B 273 -13.63 -27.33 -24.27
CA LEU B 273 -13.23 -26.26 -23.35
C LEU B 273 -11.92 -26.58 -22.65
N PRO B 274 -11.09 -25.55 -22.36
CA PRO B 274 -9.82 -25.81 -21.65
C PRO B 274 -9.98 -26.00 -20.14
N TYR B 275 -11.22 -26.04 -19.66
CA TYR B 275 -11.53 -26.26 -18.23
C TYR B 275 -12.77 -27.14 -18.13
N ASP B 276 -12.93 -27.81 -16.99
CA ASP B 276 -14.08 -28.65 -16.71
C ASP B 276 -15.23 -27.80 -16.20
N ILE B 277 -16.44 -28.17 -16.63
CA ILE B 277 -17.66 -27.57 -16.13
C ILE B 277 -18.54 -28.75 -15.67
N ASP B 278 -19.35 -28.55 -14.64
CA ASP B 278 -20.26 -29.60 -14.19
C ASP B 278 -21.73 -29.26 -14.40
N GLY B 279 -21.95 -28.15 -15.08
CA GLY B 279 -23.29 -27.66 -15.37
C GLY B 279 -23.41 -26.30 -16.02
N ILE B 280 -24.62 -25.77 -15.94
CA ILE B 280 -25.00 -24.50 -16.53
C ILE B 280 -25.83 -23.78 -15.47
N VAL B 281 -25.46 -22.54 -15.17
CA VAL B 281 -26.27 -21.76 -14.23
C VAL B 281 -27.19 -20.79 -15.01
N ILE B 282 -28.46 -20.75 -14.63
CA ILE B 282 -29.47 -19.90 -15.29
C ILE B 282 -30.00 -18.92 -14.25
N LYS B 283 -30.02 -17.63 -14.57
CA LYS B 283 -30.43 -16.60 -13.61
C LYS B 283 -31.38 -15.65 -14.31
N VAL B 284 -32.46 -15.26 -13.65
CA VAL B 284 -33.21 -14.08 -14.09
C VAL B 284 -32.19 -12.95 -14.23
N ASN B 285 -32.10 -12.34 -15.40
CA ASN B 285 -31.00 -11.39 -15.67
C ASN B 285 -31.11 -10.09 -14.84
N ASP B 286 -32.33 -9.54 -14.81
CA ASP B 286 -32.60 -8.20 -14.24
C ASP B 286 -32.48 -8.25 -12.73
N LEU B 287 -31.69 -7.33 -12.17
CA LEU B 287 -31.36 -7.40 -10.75
C LEU B 287 -32.60 -7.09 -9.90
N ASP B 288 -33.40 -6.12 -10.34
CA ASP B 288 -34.63 -5.80 -9.63
C ASP B 288 -35.62 -6.95 -9.58
N GLN B 289 -35.73 -7.66 -10.69
CA GLN B 289 -36.58 -8.85 -10.79
C GLN B 289 -36.05 -9.99 -9.94
N GLN B 290 -34.73 -10.10 -9.79
CA GLN B 290 -34.16 -11.06 -8.84
C GLN B 290 -34.68 -10.73 -7.44
N ASP B 291 -34.62 -9.44 -7.07
CA ASP B 291 -35.08 -8.99 -5.74
C ASP B 291 -36.56 -9.31 -5.53
N GLU B 292 -37.37 -9.07 -6.56
CA GLU B 292 -38.78 -9.44 -6.57
C GLU B 292 -39.06 -10.92 -6.27
N MET B 293 -38.21 -11.81 -6.80
CA MET B 293 -38.41 -13.25 -6.65
C MET B 293 -37.98 -13.74 -5.27
N GLY B 294 -36.96 -13.07 -4.71
CA GLY B 294 -36.44 -13.36 -3.39
C GLY B 294 -35.81 -14.74 -3.23
N PHE B 295 -35.82 -15.25 -2.00
CA PHE B 295 -35.19 -16.51 -1.63
C PHE B 295 -36.14 -17.43 -0.88
N THR B 296 -35.97 -18.73 -1.04
CA THR B 296 -36.54 -19.67 -0.08
C THR B 296 -35.68 -19.64 1.19
N GLN B 297 -35.98 -20.52 2.16
CA GLN B 297 -35.11 -20.63 3.33
C GLN B 297 -33.69 -21.05 2.96
N LYS B 298 -33.51 -21.64 1.78
CA LYS B 298 -32.20 -22.12 1.37
C LYS B 298 -31.61 -21.36 0.17
N SER B 299 -32.45 -20.99 -0.81
CA SER B 299 -31.95 -20.73 -2.18
C SER B 299 -32.66 -19.58 -2.91
N PRO B 300 -31.96 -18.88 -3.83
CA PRO B 300 -32.68 -17.88 -4.64
C PRO B 300 -33.78 -18.53 -5.46
N ARG B 301 -34.93 -17.86 -5.59
CA ARG B 301 -35.99 -18.34 -6.49
C ARG B 301 -35.70 -17.92 -7.94
N TRP B 302 -34.65 -17.10 -8.12
CA TRP B 302 -34.33 -16.53 -9.42
C TRP B 302 -33.18 -17.21 -10.16
N ALA B 303 -32.68 -18.31 -9.59
CA ALA B 303 -31.53 -19.00 -10.17
C ALA B 303 -31.64 -20.50 -9.98
N ILE B 304 -31.10 -21.23 -10.94
CA ILE B 304 -31.03 -22.69 -10.85
C ILE B 304 -29.75 -23.22 -11.51
N ALA B 305 -29.20 -24.33 -10.98
CA ALA B 305 -28.00 -24.93 -11.56
C ALA B 305 -28.41 -26.22 -12.28
N TYR B 306 -28.46 -26.19 -13.61
CA TYR B 306 -28.59 -27.43 -14.37
C TYR B 306 -27.31 -28.23 -14.19
N LYS B 307 -27.40 -29.54 -13.88
CA LYS B 307 -26.24 -30.42 -13.75
C LYS B 307 -26.16 -31.44 -14.88
N PHE B 308 -25.02 -31.47 -15.56
CA PHE B 308 -24.76 -32.54 -16.55
C PHE B 308 -24.74 -33.87 -15.84
N PRO B 309 -25.22 -34.95 -16.51
CA PRO B 309 -25.10 -36.28 -15.90
C PRO B 309 -23.65 -36.74 -15.82
S SO4 C . 24.58 13.79 12.38
O1 SO4 C . 25.72 13.69 13.27
O2 SO4 C . 23.33 13.94 13.09
O3 SO4 C . 24.77 14.93 11.50
O4 SO4 C . 24.56 12.58 11.57
S SO4 D . 21.02 18.28 2.80
O1 SO4 D . 21.63 17.64 1.66
O2 SO4 D . 21.41 17.64 4.06
O3 SO4 D . 21.34 19.70 2.93
O4 SO4 D . 19.58 18.30 2.58
S SO4 E . -17.31 -11.02 11.28
O1 SO4 E . -16.51 -10.63 10.13
O2 SO4 E . -16.56 -12.06 11.99
O3 SO4 E . -17.51 -9.89 12.18
O4 SO4 E . -18.62 -11.56 10.84
S SO4 F . 22.76 2.76 -5.01
O1 SO4 F . 22.81 2.15 -6.33
O2 SO4 F . 23.19 1.76 -4.02
O3 SO4 F . 23.63 3.95 -4.96
O4 SO4 F . 21.39 3.12 -4.68
S SO4 G . -0.36 30.68 4.44
O1 SO4 G . 1.11 30.74 4.50
O2 SO4 G . -0.93 31.02 5.74
O3 SO4 G . -0.79 31.65 3.41
O4 SO4 G . -0.82 29.33 4.12
S SO4 H . -17.03 -25.33 -3.58
O1 SO4 H . -15.93 -25.13 -4.49
O2 SO4 H . -16.99 -26.69 -3.04
O3 SO4 H . -16.96 -24.41 -2.43
O4 SO4 H . -18.32 -25.08 -4.24
S SO4 I . -22.37 -16.19 -4.48
O1 SO4 I . -20.93 -15.99 -4.57
O2 SO4 I . -22.97 -15.41 -3.40
O3 SO4 I . -23.03 -15.70 -5.69
O4 SO4 I . -22.48 -17.63 -4.36
S SO4 J . 1.03 -31.40 -3.80
O1 SO4 J . 1.97 -31.85 -4.83
O2 SO4 J . 0.22 -32.53 -3.34
O3 SO4 J . 1.82 -30.85 -2.69
O4 SO4 J . 0.12 -30.38 -4.34
#